data_4XUO
#
_entry.id   4XUO
#
_cell.length_a   85.350
_cell.length_b   85.350
_cell.length_c   108.460
_cell.angle_alpha   90.00
_cell.angle_beta   90.00
_cell.angle_gamma   120.00
#
_symmetry.space_group_name_H-M   'H 3'
#
loop_
_entity.id
_entity.type
_entity.pdbx_description
1 polymer 'Endo-1,4-beta-xylanase C'
2 non-polymer 'CALCIUM ION'
3 water water
#
_entity_poly.entity_id   1
_entity_poly.type   'polypeptide(L)'
_entity_poly.pdbx_seq_one_letter_code
;MASAAKAGDILLSHSFEEGTTQGWTARGGVKVDVTAEQAYQGKQSLQTTGRTEAWNGPSLSLTDVVHKNEVVEISGYVKL
VAGSAPADLKFTVERRDGNGDTQYDQVNAAEQVTDQKWVKLQGQYSYEQGSSLLLYLESTDAKAAYLLDEFQIRLVKAA
;
_entity_poly.pdbx_strand_id   A,B
#
# COMPACT_ATOMS: atom_id res chain seq x y z
N ALA A 4 -16.73 -17.13 6.90
CA ALA A 4 -18.12 -17.06 6.36
C ALA A 4 -18.21 -16.52 4.91
N ALA A 5 -17.39 -15.52 4.56
CA ALA A 5 -17.38 -14.91 3.23
C ALA A 5 -16.38 -15.54 2.24
N LYS A 6 -16.49 -15.22 0.95
CA LYS A 6 -15.52 -15.67 -0.07
C LYS A 6 -14.76 -14.51 -0.75
N ALA A 7 -13.67 -14.83 -1.43
CA ALA A 7 -12.87 -13.82 -2.12
C ALA A 7 -13.72 -12.95 -3.03
N GLY A 8 -13.50 -11.63 -2.95
CA GLY A 8 -14.27 -10.64 -3.69
C GLY A 8 -15.47 -10.02 -2.99
N ASP A 9 -15.95 -10.66 -1.92
CA ASP A 9 -17.12 -10.17 -1.18
C ASP A 9 -16.82 -8.83 -0.47
N ILE A 10 -17.79 -7.93 -0.53
CA ILE A 10 -17.80 -6.71 0.31
C ILE A 10 -18.12 -7.02 1.77
N LEU A 11 -17.24 -6.63 2.67
CA LEU A 11 -17.50 -6.77 4.11
C LEU A 11 -18.18 -5.54 4.73
N LEU A 12 -17.75 -4.36 4.32
CA LEU A 12 -18.37 -3.10 4.74
C LEU A 12 -18.32 -2.12 3.58
N SER A 13 -19.34 -1.28 3.48
CA SER A 13 -19.39 -0.19 2.47
C SER A 13 -20.12 1.00 3.09
N HIS A 14 -19.42 2.13 3.17
CA HIS A 14 -19.94 3.36 3.79
C HIS A 14 -19.93 4.55 2.85
N SER A 15 -21.14 4.99 2.49
CA SER A 15 -21.34 6.17 1.62
C SER A 15 -21.69 7.45 2.38
N PHE A 16 -22.13 7.29 3.63
CA PHE A 16 -22.45 8.39 4.55
C PHE A 16 -23.68 9.21 4.12
N GLU A 17 -24.48 8.61 3.25
CA GLU A 17 -25.60 9.29 2.59
C GLU A 17 -26.88 9.30 3.42
N GLU A 18 -26.92 8.52 4.50
CA GLU A 18 -28.02 8.59 5.45
C GLU A 18 -27.61 9.55 6.58
N GLY A 19 -28.29 9.48 7.72
CA GLY A 19 -28.02 10.43 8.80
C GLY A 19 -26.78 10.16 9.65
N THR A 20 -26.34 8.90 9.70
CA THR A 20 -25.40 8.42 10.73
C THR A 20 -23.94 8.27 10.27
N THR A 21 -23.04 8.16 11.24
CA THR A 21 -21.61 7.94 10.95
C THR A 21 -21.29 6.45 10.69
N GLN A 22 -22.33 5.60 10.76
CA GLN A 22 -22.22 4.21 10.37
C GLN A 22 -21.14 3.48 11.20
N GLY A 23 -21.03 3.86 12.47
CA GLY A 23 -20.11 3.24 13.41
C GLY A 23 -18.85 4.05 13.66
N TRP A 24 -18.50 4.97 12.77
CA TRP A 24 -17.28 5.74 12.96
C TRP A 24 -17.48 6.65 14.14
N THR A 25 -16.47 6.75 14.96
CA THR A 25 -16.53 7.46 16.22
C THR A 25 -15.22 8.19 16.55
N ALA A 26 -15.29 9.10 17.50
CA ALA A 26 -14.12 9.93 17.81
C ALA A 26 -13.03 9.15 18.54
N ARG A 27 -11.78 9.41 18.13
CA ARG A 27 -10.58 8.96 18.82
C ARG A 27 -9.85 10.23 19.27
N GLY A 28 -9.86 10.48 20.56
CA GLY A 28 -9.39 11.75 21.09
C GLY A 28 -10.60 12.66 21.31
N GLY A 29 -10.34 13.88 21.76
CA GLY A 29 -11.39 14.90 21.93
C GLY A 29 -11.76 15.62 20.65
N VAL A 30 -12.15 14.85 19.64
CA VAL A 30 -12.49 15.34 18.31
C VAL A 30 -13.99 15.26 18.06
N LYS A 31 -14.41 15.89 16.98
CA LYS A 31 -15.78 15.90 16.52
C LYS A 31 -15.86 15.14 15.21
N VAL A 32 -16.63 14.06 15.22
CA VAL A 32 -16.79 13.22 14.07
C VAL A 32 -18.27 13.18 13.72
N ASP A 33 -18.61 13.65 12.52
CA ASP A 33 -20.01 13.77 12.11
C ASP A 33 -20.13 13.82 10.59
N VAL A 34 -21.34 13.63 10.09
CA VAL A 34 -21.60 13.69 8.65
C VAL A 34 -21.81 15.15 8.22
N THR A 35 -21.31 15.48 7.02
CA THR A 35 -21.49 16.82 6.46
C THR A 35 -22.07 16.72 5.07
N ALA A 36 -22.95 17.69 4.75
CA ALA A 36 -23.43 17.89 3.40
C ALA A 36 -22.69 18.99 2.64
N GLU A 37 -21.62 19.55 3.22
CA GLU A 37 -20.86 20.61 2.55
C GLU A 37 -19.96 20.08 1.44
N GLN A 38 -19.44 18.86 1.60
CA GLN A 38 -18.46 18.27 0.66
C GLN A 38 -18.73 16.79 0.54
N ALA A 39 -18.42 16.21 -0.62
CA ALA A 39 -18.55 14.76 -0.81
C ALA A 39 -17.79 14.31 -2.04
N TYR A 40 -17.37 13.05 -2.06
CA TYR A 40 -16.68 12.52 -3.21
C TYR A 40 -17.72 11.88 -4.14
N GLN A 41 -18.70 11.20 -3.53
CA GLN A 41 -19.86 10.63 -4.18
C GLN A 41 -21.12 10.99 -3.40
N GLY A 42 -22.24 11.19 -4.10
CA GLY A 42 -23.48 11.56 -3.42
C GLY A 42 -23.40 12.95 -2.81
N LYS A 43 -24.11 13.16 -1.72
CA LYS A 43 -24.22 14.49 -1.14
C LYS A 43 -23.41 14.67 0.14
N GLN A 44 -22.99 13.56 0.75
CA GLN A 44 -22.45 13.61 2.11
C GLN A 44 -21.16 12.85 2.29
N SER A 45 -20.38 13.27 3.28
CA SER A 45 -19.15 12.58 3.66
C SER A 45 -18.94 12.67 5.16
N LEU A 46 -17.93 11.98 5.68
CA LEU A 46 -17.64 11.96 7.12
C LEU A 46 -16.56 12.98 7.46
N GLN A 47 -16.85 13.91 8.37
CA GLN A 47 -15.93 15.00 8.66
C GLN A 47 -15.32 14.87 10.05
N THR A 48 -14.02 15.11 10.15
CA THR A 48 -13.34 15.12 11.43
C THR A 48 -12.69 16.49 11.67
N THR A 49 -13.09 17.16 12.76
CA THR A 49 -12.45 18.38 13.21
C THR A 49 -12.05 18.31 14.69
N GLY A 50 -11.27 19.30 15.14
CA GLY A 50 -10.90 19.40 16.55
C GLY A 50 -9.73 18.57 16.99
N ARG A 51 -8.93 18.11 16.01
CA ARG A 51 -7.73 17.37 16.30
C ARG A 51 -6.69 18.29 16.94
N THR A 52 -6.13 17.85 18.07
CA THR A 52 -4.97 18.49 18.71
C THR A 52 -3.69 17.63 18.80
N GLU A 53 -3.80 16.30 18.68
CA GLU A 53 -2.64 15.37 18.68
C GLU A 53 -2.70 14.49 17.41
N ALA A 54 -1.53 14.10 16.90
CA ALA A 54 -1.41 13.34 15.64
C ALA A 54 -2.09 11.97 15.63
N TRP A 55 -2.23 11.34 16.79
CA TRP A 55 -2.96 10.08 16.89
C TRP A 55 -4.50 10.23 16.91
N ASN A 56 -5.03 11.45 16.99
CA ASN A 56 -6.47 11.65 16.92
C ASN A 56 -7.02 11.38 15.51
N GLY A 57 -8.30 11.02 15.44
CA GLY A 57 -8.97 10.91 14.16
C GLY A 57 -10.31 10.22 14.28
N PRO A 58 -10.99 10.01 13.13
CA PRO A 58 -12.16 9.15 13.12
C PRO A 58 -11.71 7.71 13.21
N SER A 59 -12.46 6.89 13.97
CA SER A 59 -12.10 5.47 14.15
C SER A 59 -13.28 4.53 13.98
N LEU A 60 -12.95 3.26 13.69
CA LEU A 60 -13.94 2.23 13.38
C LEU A 60 -13.47 0.86 13.92
N SER A 61 -14.25 0.27 14.81
CA SER A 61 -13.92 -1.08 15.28
C SER A 61 -14.06 -2.07 14.12
N LEU A 62 -13.03 -2.91 13.93
CA LEU A 62 -13.04 -3.96 12.93
C LEU A 62 -13.13 -5.36 13.53
N THR A 63 -13.31 -5.43 14.85
CA THR A 63 -13.30 -6.65 15.60
C THR A 63 -14.34 -7.62 14.99
N ASP A 64 -15.48 -7.12 14.56
CA ASP A 64 -16.54 -7.98 14.01
C ASP A 64 -16.46 -8.11 12.49
N VAL A 65 -15.53 -7.42 11.86
CA VAL A 65 -15.45 -7.37 10.42
C VAL A 65 -14.34 -8.25 9.85
N VAL A 66 -13.18 -8.24 10.52
CA VAL A 66 -11.99 -8.94 10.04
C VAL A 66 -11.64 -10.01 11.07
N HIS A 67 -11.42 -11.22 10.58
CA HIS A 67 -11.09 -12.34 11.42
C HIS A 67 -9.72 -12.94 11.07
N LYS A 68 -9.22 -13.81 11.95
CA LYS A 68 -7.84 -14.26 11.91
C LYS A 68 -7.39 -14.84 10.55
N ASN A 69 -6.26 -14.35 10.07
CA ASN A 69 -5.62 -14.76 8.80
C ASN A 69 -6.36 -14.37 7.52
N GLU A 70 -7.50 -13.70 7.61
CA GLU A 70 -8.20 -13.21 6.42
C GLU A 70 -7.36 -12.08 5.85
N VAL A 71 -7.17 -12.08 4.53
CA VAL A 71 -6.59 -10.89 3.87
C VAL A 71 -7.71 -10.00 3.36
N VAL A 72 -7.74 -8.75 3.81
CA VAL A 72 -8.74 -7.78 3.36
C VAL A 72 -8.10 -6.57 2.67
N GLU A 73 -8.94 -5.83 1.94
CA GLU A 73 -8.53 -4.60 1.24
C GLU A 73 -9.39 -3.41 1.71
N ILE A 74 -8.71 -2.39 2.27
CA ILE A 74 -9.31 -1.22 2.87
C ILE A 74 -9.07 -0.03 1.96
N SER A 75 -10.14 0.67 1.59
CA SER A 75 -10.02 1.82 0.71
C SER A 75 -11.02 2.93 1.02
N GLY A 76 -10.68 4.13 0.56
CA GLY A 76 -11.54 5.29 0.77
C GLY A 76 -10.94 6.52 0.12
N TYR A 77 -11.76 7.56 -0.01
CA TYR A 77 -11.36 8.83 -0.58
C TYR A 77 -11.37 9.91 0.48
N VAL A 78 -10.33 10.74 0.48
CA VAL A 78 -10.11 11.72 1.52
C VAL A 78 -9.77 13.07 0.89
N LYS A 79 -9.99 14.14 1.67
CA LYS A 79 -9.80 15.54 1.26
C LYS A 79 -9.70 16.37 2.52
N LEU A 80 -8.86 17.40 2.51
CA LEU A 80 -8.76 18.23 3.72
C LEU A 80 -9.92 19.24 3.78
N VAL A 81 -10.31 19.63 4.98
CA VAL A 81 -11.32 20.65 5.18
C VAL A 81 -10.74 21.98 4.68
N ALA A 82 -11.61 22.84 4.13
CA ALA A 82 -11.21 24.10 3.50
C ALA A 82 -10.36 24.94 4.43
N GLY A 83 -9.22 25.41 3.93
CA GLY A 83 -8.29 26.21 4.75
C GLY A 83 -7.10 25.49 5.36
N SER A 84 -7.23 24.19 5.66
CA SER A 84 -6.11 23.36 6.17
C SER A 84 -4.91 23.36 5.20
N ALA A 85 -3.68 23.38 5.70
CA ALA A 85 -2.47 23.26 4.85
C ALA A 85 -2.27 21.81 4.41
N PRO A 86 -1.55 21.57 3.30
CA PRO A 86 -1.27 20.20 2.88
C PRO A 86 -0.70 19.31 3.99
N ALA A 87 -1.22 18.08 4.07
CA ALA A 87 -0.84 17.14 5.10
C ALA A 87 -0.98 15.70 4.62
N ASP A 88 -0.28 14.80 5.31
CA ASP A 88 -0.19 13.39 4.88
C ASP A 88 -1.19 12.61 5.73
N LEU A 89 -1.94 11.70 5.11
CA LEU A 89 -2.97 10.90 5.81
C LEU A 89 -2.71 9.42 5.57
N LYS A 90 -2.93 8.60 6.57
CA LYS A 90 -2.88 7.13 6.39
C LYS A 90 -3.87 6.43 7.27
N PHE A 91 -4.18 5.17 6.92
CA PHE A 91 -4.93 4.28 7.82
C PHE A 91 -4.00 3.45 8.72
N THR A 92 -4.34 3.26 10.00
CA THR A 92 -3.59 2.44 10.93
C THR A 92 -4.60 1.53 11.67
N VAL A 93 -4.21 0.31 12.01
CA VAL A 93 -5.00 -0.58 12.88
C VAL A 93 -4.27 -0.76 14.22
N GLU A 94 -4.95 -0.33 15.29
CA GLU A 94 -4.54 -0.60 16.66
C GLU A 94 -5.14 -1.96 17.07
N ARG A 95 -4.27 -2.91 17.44
CA ARG A 95 -4.61 -4.32 17.63
C ARG A 95 -4.17 -4.81 19.03
N ARG A 96 -5.03 -5.51 19.75
CA ARG A 96 -4.58 -6.29 20.90
C ARG A 96 -4.12 -7.65 20.41
N ASP A 97 -2.87 -8.00 20.70
CA ASP A 97 -2.34 -9.27 20.20
C ASP A 97 -2.78 -10.42 21.11
N GLY A 98 -2.34 -11.64 20.81
CA GLY A 98 -2.58 -12.81 21.64
C GLY A 98 -2.36 -12.67 23.16
N ASN A 99 -1.39 -11.86 23.56
CA ASN A 99 -1.10 -11.61 24.97
C ASN A 99 -1.86 -10.39 25.56
N GLY A 100 -2.79 -9.81 24.78
CA GLY A 100 -3.43 -8.53 25.17
C GLY A 100 -2.58 -7.28 24.99
N ASP A 101 -1.43 -7.38 24.34
CA ASP A 101 -0.52 -6.25 24.21
C ASP A 101 -0.86 -5.39 22.97
N THR A 102 -0.67 -4.08 23.11
CA THR A 102 -1.05 -3.14 22.03
C THR A 102 -0.04 -3.13 20.88
N GLN A 103 -0.54 -3.39 19.67
CA GLN A 103 0.28 -3.27 18.45
C GLN A 103 -0.32 -2.25 17.49
N TYR A 104 0.54 -1.53 16.76
CA TYR A 104 0.12 -0.58 15.72
C TYR A 104 0.60 -1.11 14.36
N ASP A 105 -0.36 -1.49 13.54
CA ASP A 105 -0.13 -2.13 12.24
C ASP A 105 -0.36 -1.13 11.10
N GLN A 106 0.53 -1.09 10.10
CA GLN A 106 0.37 -0.16 8.99
C GLN A 106 -0.50 -0.81 7.89
N VAL A 107 -1.42 -0.04 7.33
CA VAL A 107 -2.27 -0.50 6.24
C VAL A 107 -1.70 0.01 4.93
N ASN A 108 -1.45 1.31 4.88
CA ASN A 108 -0.93 1.96 3.66
C ASN A 108 0.11 3.04 3.93
N ALA A 109 0.93 3.33 2.94
CA ALA A 109 1.86 4.45 3.08
C ALA A 109 1.07 5.75 3.13
N ALA A 110 1.50 6.71 3.92
CA ALA A 110 0.80 7.98 3.98
C ALA A 110 0.85 8.72 2.64
N GLU A 111 -0.27 9.31 2.25
CA GLU A 111 -0.40 10.07 0.99
C GLU A 111 -0.54 11.57 1.35
N GLN A 112 0.09 12.44 0.55
CA GLN A 112 -0.17 13.87 0.66
C GLN A 112 -1.59 14.19 0.17
N VAL A 113 -2.32 14.97 0.99
CA VAL A 113 -3.68 15.36 0.72
C VAL A 113 -3.83 16.89 0.89
N THR A 114 -4.66 17.52 0.03
CA THR A 114 -4.90 18.98 0.09
C THR A 114 -6.37 19.27 0.28
N ASP A 115 -6.71 20.54 0.51
CA ASP A 115 -8.11 20.96 0.51
C ASP A 115 -8.75 21.18 -0.88
N GLN A 116 -8.02 20.83 -1.94
CA GLN A 116 -8.44 21.08 -3.32
C GLN A 116 -8.98 19.89 -4.12
N LYS A 117 -8.65 18.64 -3.73
CA LYS A 117 -9.03 17.45 -4.50
C LYS A 117 -9.13 16.25 -3.59
N TRP A 118 -9.98 15.31 -3.96
CA TRP A 118 -10.08 14.03 -3.26
C TRP A 118 -8.95 13.09 -3.68
N VAL A 119 -8.43 12.30 -2.73
CA VAL A 119 -7.30 11.39 -2.95
C VAL A 119 -7.66 9.97 -2.51
N LYS A 120 -7.37 8.99 -3.37
CA LYS A 120 -7.64 7.61 -3.01
C LYS A 120 -6.58 7.03 -2.07
N LEU A 121 -7.04 6.47 -0.94
CA LEU A 121 -6.22 5.69 -0.04
C LEU A 121 -6.64 4.23 -0.12
N GLN A 122 -5.67 3.33 -0.11
CA GLN A 122 -5.94 1.89 -0.23
C GLN A 122 -4.74 1.08 0.25
N GLY A 123 -5.02 0.00 0.98
CA GLY A 123 -4.01 -0.96 1.32
C GLY A 123 -4.66 -2.27 1.77
N GLN A 124 -3.89 -3.36 1.64
CA GLN A 124 -4.28 -4.64 2.23
C GLN A 124 -3.94 -4.75 3.73
N TYR A 125 -4.70 -5.59 4.43
CA TYR A 125 -4.46 -5.82 5.84
C TYR A 125 -4.83 -7.28 6.22
N SER A 126 -4.08 -7.80 7.17
CA SER A 126 -4.35 -9.07 7.85
C SER A 126 -3.64 -9.11 9.20
N TYR A 127 -4.07 -10.01 10.07
CA TYR A 127 -3.37 -10.26 11.32
C TYR A 127 -3.36 -11.75 11.63
N GLU A 128 -2.39 -12.14 12.45
CA GLU A 128 -2.16 -13.56 12.80
C GLU A 128 -2.65 -13.93 14.20
N GLN A 129 -2.60 -12.98 15.13
CA GLN A 129 -3.07 -13.20 16.50
C GLN A 129 -3.72 -11.93 17.03
N GLY A 130 -4.77 -12.06 17.83
CA GLY A 130 -5.38 -10.90 18.47
C GLY A 130 -6.85 -10.98 18.83
N SER A 131 -7.28 -10.07 19.70
CA SER A 131 -8.67 -10.08 20.21
C SER A 131 -9.54 -8.89 19.84
N SER A 132 -8.90 -7.74 19.57
CA SER A 132 -9.59 -6.53 19.20
C SER A 132 -8.80 -5.80 18.10
N LEU A 133 -9.55 -5.10 17.24
CA LEU A 133 -8.98 -4.33 16.08
C LEU A 133 -9.71 -3.00 15.97
N LEU A 134 -8.96 -1.90 15.93
CA LEU A 134 -9.53 -0.58 15.74
C LEU A 134 -8.80 0.14 14.60
N LEU A 135 -9.56 0.42 13.54
CA LEU A 135 -9.05 1.21 12.39
C LEU A 135 -9.22 2.70 12.68
N TYR A 136 -8.22 3.49 12.34
CA TYR A 136 -8.35 4.94 12.38
C TYR A 136 -7.58 5.61 11.26
N LEU A 137 -8.02 6.83 10.94
CA LEU A 137 -7.42 7.64 9.87
C LEU A 137 -6.71 8.82 10.55
N GLU A 138 -5.39 8.93 10.35
CA GLU A 138 -4.53 9.85 11.08
C GLU A 138 -3.59 10.59 10.17
N SER A 139 -3.12 11.73 10.69
CA SER A 139 -2.12 12.58 10.02
C SER A 139 -1.03 12.97 10.99
N THR A 140 0.20 13.07 10.49
CA THR A 140 1.33 13.53 11.30
C THR A 140 1.16 15.02 11.62
N ASP A 141 0.34 15.72 10.83
CA ASP A 141 -0.11 17.09 11.15
C ASP A 141 -1.19 17.02 12.22
N ALA A 142 -0.82 17.42 13.43
CA ALA A 142 -1.66 17.26 14.62
C ALA A 142 -2.96 18.06 14.63
N LYS A 143 -3.05 19.08 13.79
CA LYS A 143 -4.22 19.95 13.71
C LYS A 143 -5.03 19.84 12.41
N ALA A 144 -4.57 19.08 11.43
CA ALA A 144 -5.36 18.87 10.24
C ALA A 144 -6.78 18.39 10.52
N ALA A 145 -7.71 18.93 9.74
CA ALA A 145 -9.09 18.46 9.67
C ALA A 145 -9.32 17.92 8.28
N TYR A 146 -10.15 16.88 8.18
CA TYR A 146 -10.28 16.16 6.96
C TYR A 146 -11.54 15.34 6.85
N LEU A 147 -11.86 14.99 5.61
CA LEU A 147 -13.06 14.28 5.22
C LEU A 147 -12.75 12.90 4.65
N LEU A 148 -13.71 11.97 4.83
CA LEU A 148 -13.65 10.61 4.28
C LEU A 148 -14.95 10.26 3.58
N ASP A 149 -14.85 9.64 2.42
CA ASP A 149 -16.08 9.17 1.71
C ASP A 149 -15.82 7.86 0.95
N GLU A 150 -16.89 7.17 0.58
CA GLU A 150 -16.80 5.92 -0.22
C GLU A 150 -15.79 4.98 0.42
N PHE A 151 -15.98 4.73 1.70
CA PHE A 151 -15.12 3.80 2.44
C PHE A 151 -15.58 2.37 2.19
N GLN A 152 -14.63 1.46 2.00
CA GLN A 152 -14.93 0.04 1.70
C GLN A 152 -13.89 -0.92 2.27
N ILE A 153 -14.35 -2.10 2.69
CA ILE A 153 -13.46 -3.19 3.04
C ILE A 153 -13.97 -4.40 2.25
N ARG A 154 -13.06 -5.03 1.51
CA ARG A 154 -13.37 -6.19 0.63
C ARG A 154 -12.48 -7.37 1.07
N LEU A 155 -13.02 -8.58 1.03
CA LEU A 155 -12.22 -9.76 1.33
C LEU A 155 -11.42 -10.13 0.09
N VAL A 156 -10.11 -10.20 0.27
CA VAL A 156 -9.17 -10.59 -0.79
C VAL A 156 -9.00 -12.10 -0.80
N LYS A 157 -8.68 -12.66 0.38
CA LYS A 157 -8.44 -14.11 0.59
C LYS A 157 -9.08 -14.61 1.88
N ALA A 158 -9.94 -15.62 1.74
CA ALA A 158 -10.52 -16.27 2.92
C ALA A 158 -9.44 -16.97 3.77
N ALA A 159 -9.74 -17.17 5.06
CA ALA A 159 -8.73 -17.62 6.03
C ALA A 159 -8.23 -19.05 5.80
N ALA B 4 22.75 -0.10 10.70
CA ALA B 4 22.23 1.22 11.12
C ALA B 4 20.73 1.15 11.48
N ALA B 5 19.98 0.31 10.78
CA ALA B 5 18.55 0.21 10.96
C ALA B 5 18.19 -0.85 12.02
N LYS B 6 16.94 -0.81 12.47
CA LYS B 6 16.39 -1.84 13.34
C LYS B 6 15.14 -2.53 12.75
N ALA B 7 14.72 -3.61 13.39
CA ALA B 7 13.48 -4.36 13.06
C ALA B 7 12.27 -3.49 12.84
N GLY B 8 11.61 -3.64 11.68
CA GLY B 8 10.42 -2.83 11.39
C GLY B 8 10.62 -1.45 10.77
N ASP B 9 11.86 -0.97 10.70
CA ASP B 9 12.15 0.29 10.01
C ASP B 9 11.83 0.18 8.53
N ILE B 10 11.29 1.26 7.95
CA ILE B 10 11.12 1.34 6.49
C ILE B 10 12.44 1.72 5.85
N LEU B 11 12.88 0.97 4.86
CA LEU B 11 14.13 1.27 4.16
C LEU B 11 13.84 2.09 2.90
N LEU B 12 12.71 1.78 2.26
CA LEU B 12 12.27 2.47 1.05
C LEU B 12 10.75 2.43 0.96
N SER B 13 10.14 3.53 0.51
CA SER B 13 8.69 3.56 0.18
C SER B 13 8.46 4.42 -1.07
N HIS B 14 7.96 3.79 -2.13
CA HIS B 14 7.70 4.47 -3.38
C HIS B 14 6.23 4.41 -3.73
N SER B 15 5.57 5.57 -3.72
CA SER B 15 4.17 5.72 -4.11
C SER B 15 4.01 6.35 -5.54
N PHE B 16 5.12 6.82 -6.08
CA PHE B 16 5.19 7.35 -7.44
C PHE B 16 4.34 8.59 -7.70
N GLU B 17 4.12 9.42 -6.67
CA GLU B 17 3.14 10.50 -6.78
C GLU B 17 3.69 11.83 -7.29
N GLU B 18 4.97 11.89 -7.58
CA GLU B 18 5.57 13.09 -8.07
C GLU B 18 6.16 13.00 -9.51
N GLY B 19 7.21 13.73 -9.80
CA GLY B 19 7.67 13.83 -11.17
C GLY B 19 8.62 12.75 -11.64
N THR B 20 9.25 12.02 -10.71
CA THR B 20 10.25 11.00 -11.04
C THR B 20 9.82 9.54 -10.75
N THR B 21 10.59 8.61 -11.29
CA THR B 21 10.38 7.19 -11.04
C THR B 21 11.08 6.71 -9.74
N GLN B 22 11.58 7.62 -8.89
CA GLN B 22 12.22 7.29 -7.59
C GLN B 22 13.30 6.20 -7.67
N GLY B 23 14.10 6.23 -8.74
CA GLY B 23 15.20 5.29 -8.92
C GLY B 23 14.91 4.18 -9.90
N TRP B 24 13.64 3.91 -10.20
CA TRP B 24 13.31 2.79 -11.07
C TRP B 24 13.68 3.11 -12.52
N THR B 25 14.31 2.13 -13.17
CA THR B 25 14.87 2.36 -14.50
C THR B 25 14.70 1.15 -15.41
N ALA B 26 14.86 1.39 -16.71
CA ALA B 26 14.66 0.34 -17.69
C ALA B 26 15.71 -0.76 -17.58
N ARG B 27 15.23 -2.00 -17.62
CA ARG B 27 16.14 -3.13 -17.80
C ARG B 27 15.74 -3.72 -19.15
N GLY B 28 16.62 -3.60 -20.13
CA GLY B 28 16.29 -3.85 -21.52
C GLY B 28 15.83 -2.58 -22.21
N GLY B 29 15.34 -2.72 -23.45
CA GLY B 29 14.87 -1.58 -24.24
C GLY B 29 13.40 -1.20 -24.05
N VAL B 30 13.03 -0.96 -22.80
CA VAL B 30 11.70 -0.70 -22.38
C VAL B 30 11.60 0.73 -21.92
N LYS B 31 10.35 1.15 -21.74
CA LYS B 31 9.94 2.46 -21.30
C LYS B 31 9.39 2.29 -19.87
N VAL B 32 10.00 2.97 -18.93
CA VAL B 32 9.52 2.96 -17.54
C VAL B 32 9.21 4.39 -17.13
N ASP B 33 7.93 4.69 -16.89
CA ASP B 33 7.54 6.06 -16.57
C ASP B 33 6.38 6.09 -15.58
N VAL B 34 6.26 7.18 -14.84
CA VAL B 34 5.09 7.37 -14.01
C VAL B 34 3.85 7.61 -14.91
N THR B 35 2.66 7.19 -14.46
CA THR B 35 1.41 7.39 -15.18
C THR B 35 0.35 7.83 -14.18
N ALA B 36 -0.56 8.69 -14.65
CA ALA B 36 -1.73 9.10 -13.89
C ALA B 36 -2.99 8.41 -14.39
N GLU B 37 -2.84 7.45 -15.31
CA GLU B 37 -4.01 6.80 -15.89
C GLU B 37 -4.69 5.91 -14.86
N GLN B 38 -3.87 5.25 -14.04
CA GLN B 38 -4.36 4.35 -12.99
C GLN B 38 -3.37 4.30 -11.85
N ALA B 39 -3.86 3.94 -10.67
CA ALA B 39 -2.97 3.76 -9.52
C ALA B 39 -3.68 2.87 -8.50
N TYR B 40 -2.88 2.29 -7.60
CA TYR B 40 -3.43 1.49 -6.48
C TYR B 40 -3.90 2.43 -5.40
N GLN B 41 -3.06 3.38 -5.03
CA GLN B 41 -3.48 4.51 -4.21
C GLN B 41 -2.75 5.74 -4.68
N GLY B 42 -3.25 6.89 -4.26
CA GLY B 42 -2.88 8.19 -4.88
C GLY B 42 -3.32 8.23 -6.36
N LYS B 43 -2.85 9.27 -7.03
CA LYS B 43 -3.11 9.49 -8.46
C LYS B 43 -2.27 8.65 -9.40
N GLN B 44 -1.02 8.33 -9.02
CA GLN B 44 -0.03 7.82 -9.94
C GLN B 44 0.58 6.48 -9.51
N SER B 45 1.03 5.71 -10.52
CA SER B 45 1.79 4.47 -10.36
C SER B 45 2.93 4.44 -11.42
N LEU B 46 3.70 3.37 -11.43
CA LEU B 46 4.85 3.18 -12.36
C LEU B 46 4.47 2.21 -13.47
N GLN B 47 4.57 2.67 -14.72
CA GLN B 47 4.20 1.85 -15.88
C GLN B 47 5.39 1.39 -16.68
N THR B 48 5.35 0.14 -17.11
CA THR B 48 6.38 -0.45 -17.98
C THR B 48 5.78 -1.00 -19.25
N THR B 49 6.26 -0.48 -20.39
CA THR B 49 5.79 -0.96 -21.71
C THR B 49 7.00 -1.23 -22.59
N GLY B 50 6.75 -1.83 -23.75
CA GLY B 50 7.84 -2.09 -24.70
C GLY B 50 8.74 -3.29 -24.42
N ARG B 51 8.30 -4.22 -23.55
CA ARG B 51 9.03 -5.44 -23.30
C ARG B 51 9.00 -6.39 -24.54
N THR B 52 10.16 -6.94 -24.88
CA THR B 52 10.31 -7.94 -25.94
C THR B 52 11.03 -9.26 -25.53
N GLU B 53 11.74 -9.27 -24.39
CA GLU B 53 12.32 -10.48 -23.80
C GLU B 53 11.87 -10.61 -22.35
N ALA B 54 11.75 -11.85 -21.87
CA ALA B 54 11.21 -12.14 -20.53
C ALA B 54 12.01 -11.53 -19.40
N TRP B 55 13.30 -11.32 -19.61
CA TRP B 55 14.17 -10.74 -18.59
C TRP B 55 13.96 -9.23 -18.42
N ASN B 56 13.27 -8.61 -19.37
CA ASN B 56 13.04 -7.15 -19.35
C ASN B 56 12.12 -6.77 -18.20
N GLY B 57 12.26 -5.55 -17.72
CA GLY B 57 11.26 -5.00 -16.80
C GLY B 57 11.76 -3.72 -16.15
N PRO B 58 10.97 -3.16 -15.24
CA PRO B 58 11.48 -2.09 -14.42
C PRO B 58 12.47 -2.62 -13.37
N SER B 59 13.50 -1.83 -13.07
CA SER B 59 14.53 -2.26 -12.16
C SER B 59 14.96 -1.18 -11.21
N LEU B 60 15.56 -1.62 -10.11
CA LEU B 60 15.93 -0.74 -8.99
C LEU B 60 17.13 -1.29 -8.28
N SER B 61 18.17 -0.46 -8.17
CA SER B 61 19.38 -0.88 -7.48
C SER B 61 19.17 -0.93 -5.98
N LEU B 62 19.49 -2.09 -5.35
CA LEU B 62 19.38 -2.25 -3.89
C LEU B 62 20.72 -2.25 -3.18
N THR B 63 21.80 -2.09 -3.93
CA THR B 63 23.13 -2.07 -3.35
C THR B 63 23.24 -1.22 -2.08
N ASP B 64 22.62 -0.04 -2.07
CA ASP B 64 22.73 0.85 -0.90
C ASP B 64 21.61 0.66 0.10
N VAL B 65 20.70 -0.27 -0.17
CA VAL B 65 19.50 -0.42 0.62
C VAL B 65 19.56 -1.65 1.51
N VAL B 66 20.04 -2.76 0.96
CA VAL B 66 20.04 -4.03 1.67
C VAL B 66 21.49 -4.42 1.89
N HIS B 67 21.80 -4.82 3.12
CA HIS B 67 23.17 -5.20 3.45
C HIS B 67 23.30 -6.68 3.88
N LYS B 68 24.53 -7.18 3.96
CA LYS B 68 24.81 -8.59 4.24
C LYS B 68 24.06 -9.17 5.45
N ASN B 69 23.48 -10.34 5.27
CA ASN B 69 22.73 -11.05 6.32
C ASN B 69 21.47 -10.36 6.86
N GLU B 70 21.16 -9.14 6.41
CA GLU B 70 19.87 -8.52 6.72
C GLU B 70 18.74 -9.26 6.01
N VAL B 71 17.67 -9.53 6.74
CA VAL B 71 16.48 -10.11 6.16
C VAL B 71 15.51 -8.95 5.99
N VAL B 72 14.99 -8.78 4.76
CA VAL B 72 14.05 -7.72 4.46
C VAL B 72 12.76 -8.28 3.83
N GLU B 73 11.68 -7.53 3.94
CA GLU B 73 10.43 -7.82 3.25
C GLU B 73 10.23 -6.86 2.07
N ILE B 74 10.15 -7.42 0.86
CA ILE B 74 9.98 -6.64 -0.37
C ILE B 74 8.55 -6.83 -0.84
N SER B 75 7.82 -5.74 -1.13
CA SER B 75 6.41 -5.84 -1.54
C SER B 75 5.96 -4.71 -2.47
N GLY B 76 4.97 -5.01 -3.29
CA GLY B 76 4.35 -3.99 -4.12
C GLY B 76 3.10 -4.54 -4.75
N TYR B 77 2.28 -3.62 -5.27
CA TYR B 77 1.02 -3.97 -5.91
C TYR B 77 1.15 -3.89 -7.44
N VAL B 78 0.70 -4.91 -8.14
CA VAL B 78 0.86 -4.94 -9.59
C VAL B 78 -0.46 -5.19 -10.34
N LYS B 79 -0.50 -4.74 -11.59
CA LYS B 79 -1.67 -4.92 -12.45
C LYS B 79 -1.20 -4.85 -13.91
N LEU B 80 -1.79 -5.67 -14.77
CA LEU B 80 -1.46 -5.58 -16.19
C LEU B 80 -2.15 -4.39 -16.84
N VAL B 81 -1.55 -3.89 -17.92
CA VAL B 81 -2.12 -2.85 -18.76
C VAL B 81 -3.39 -3.40 -19.44
N ALA B 82 -4.34 -2.53 -19.72
CA ALA B 82 -5.65 -2.96 -20.26
C ALA B 82 -5.52 -3.79 -21.53
N GLY B 83 -6.47 -4.70 -21.72
CA GLY B 83 -6.48 -5.59 -22.87
C GLY B 83 -5.39 -6.64 -22.83
N SER B 84 -4.74 -6.82 -21.68
CA SER B 84 -3.67 -7.80 -21.58
C SER B 84 -4.26 -9.17 -21.33
N ALA B 85 -3.52 -10.19 -21.78
CA ALA B 85 -3.79 -11.56 -21.40
C ALA B 85 -3.12 -11.79 -20.04
N PRO B 86 -3.78 -12.54 -19.14
CA PRO B 86 -3.14 -12.91 -17.86
C PRO B 86 -1.69 -13.49 -17.98
N ALA B 87 -0.81 -13.05 -17.09
CA ALA B 87 0.57 -13.46 -17.16
C ALA B 87 1.09 -13.58 -15.75
N ASP B 88 2.18 -14.33 -15.58
CA ASP B 88 2.76 -14.49 -14.24
C ASP B 88 3.88 -13.48 -13.96
N LEU B 89 3.79 -12.76 -12.84
CA LEU B 89 4.82 -11.77 -12.45
C LEU B 89 5.57 -12.17 -11.20
N LYS B 90 6.83 -11.75 -11.10
CA LYS B 90 7.64 -11.94 -9.89
C LYS B 90 8.77 -10.93 -9.78
N PHE B 91 9.21 -10.71 -8.55
CA PHE B 91 10.48 -10.03 -8.29
C PHE B 91 11.65 -11.01 -8.22
N THR B 92 12.76 -10.60 -8.82
CA THR B 92 14.02 -11.32 -8.84
C THR B 92 15.13 -10.34 -8.45
N VAL B 93 16.16 -10.80 -7.74
CA VAL B 93 17.37 -9.99 -7.52
C VAL B 93 18.55 -10.61 -8.25
N GLU B 94 19.11 -9.82 -9.17
CA GLU B 94 20.38 -10.12 -9.82
C GLU B 94 21.52 -9.68 -8.88
N ARG B 95 22.31 -10.65 -8.42
CA ARG B 95 23.37 -10.41 -7.43
C ARG B 95 24.69 -10.83 -8.04
N ARG B 96 25.72 -10.01 -7.84
CA ARG B 96 27.12 -10.43 -7.98
C ARG B 96 27.60 -10.94 -6.61
N ASP B 97 28.05 -12.20 -6.55
CA ASP B 97 28.56 -12.79 -5.30
C ASP B 97 30.00 -12.38 -4.98
N GLY B 98 30.57 -12.97 -3.93
CA GLY B 98 31.96 -12.70 -3.54
C GLY B 98 32.99 -12.86 -4.64
N ASN B 99 32.72 -13.75 -5.60
CA ASN B 99 33.61 -13.99 -6.73
C ASN B 99 33.33 -13.10 -7.96
N GLY B 100 32.48 -12.09 -7.79
CA GLY B 100 32.00 -11.30 -8.93
C GLY B 100 31.12 -12.08 -9.90
N ASP B 101 30.68 -13.27 -9.51
CA ASP B 101 29.86 -14.12 -10.37
C ASP B 101 28.41 -13.73 -10.20
N THR B 102 27.65 -13.88 -11.29
CA THR B 102 26.25 -13.46 -11.40
C THR B 102 25.27 -14.55 -10.98
N GLN B 103 24.49 -14.27 -9.94
CA GLN B 103 23.41 -15.17 -9.48
C GLN B 103 22.05 -14.49 -9.61
N TYR B 104 20.99 -15.28 -9.79
CA TYR B 104 19.61 -14.76 -9.83
C TYR B 104 18.75 -15.32 -8.71
N ASP B 105 18.51 -14.51 -7.69
CA ASP B 105 17.76 -14.91 -6.50
C ASP B 105 16.27 -14.62 -6.68
N GLN B 106 15.42 -15.63 -6.45
CA GLN B 106 13.98 -15.42 -6.45
C GLN B 106 13.48 -14.76 -5.14
N VAL B 107 12.59 -13.78 -5.26
CA VAL B 107 12.04 -13.08 -4.13
C VAL B 107 10.67 -13.67 -3.76
N ASN B 108 9.80 -13.80 -4.75
CA ASN B 108 8.51 -14.50 -4.56
C ASN B 108 8.27 -15.47 -5.70
N ALA B 109 7.51 -16.51 -5.42
CA ALA B 109 7.14 -17.44 -6.48
C ALA B 109 6.20 -16.71 -7.43
N ALA B 110 6.33 -16.97 -8.72
CA ALA B 110 5.53 -16.28 -9.74
C ALA B 110 4.03 -16.39 -9.46
N GLU B 111 3.32 -15.28 -9.58
CA GLU B 111 1.86 -15.16 -9.37
C GLU B 111 1.16 -14.73 -10.64
N GLN B 112 -0.05 -15.25 -10.87
CA GLN B 112 -0.89 -14.73 -11.96
C GLN B 112 -1.45 -13.33 -11.66
N VAL B 113 -1.28 -12.45 -12.64
CA VAL B 113 -1.79 -11.11 -12.63
C VAL B 113 -2.59 -10.88 -13.90
N THR B 114 -3.67 -10.12 -13.76
CA THR B 114 -4.51 -9.76 -14.87
C THR B 114 -4.71 -8.24 -14.96
N ASP B 115 -5.43 -7.79 -15.98
CA ASP B 115 -5.71 -6.36 -16.16
C ASP B 115 -6.96 -5.85 -15.40
N GLN B 116 -7.53 -6.70 -14.54
CA GLN B 116 -8.79 -6.44 -13.83
C GLN B 116 -8.63 -5.99 -12.40
N LYS B 117 -7.60 -6.51 -11.73
CA LYS B 117 -7.41 -6.29 -10.30
C LYS B 117 -5.94 -6.12 -9.95
N TRP B 118 -5.64 -5.31 -8.93
CA TRP B 118 -4.29 -5.23 -8.40
C TRP B 118 -4.00 -6.42 -7.49
N VAL B 119 -2.80 -6.97 -7.63
CA VAL B 119 -2.28 -8.10 -6.86
C VAL B 119 -1.06 -7.66 -6.06
N LYS B 120 -1.03 -8.02 -4.78
CA LYS B 120 0.10 -7.72 -3.92
C LYS B 120 1.10 -8.86 -4.06
N LEU B 121 2.30 -8.53 -4.57
CA LEU B 121 3.47 -9.39 -4.52
C LEU B 121 4.33 -9.05 -3.30
N GLN B 122 4.76 -10.09 -2.60
CA GLN B 122 5.60 -9.93 -1.42
C GLN B 122 6.49 -11.16 -1.20
N GLY B 123 7.67 -10.93 -0.64
CA GLY B 123 8.58 -12.00 -0.25
C GLY B 123 9.70 -11.48 0.64
N GLN B 124 10.32 -12.37 1.39
CA GLN B 124 11.48 -11.98 2.15
C GLN B 124 12.74 -12.21 1.34
N TYR B 125 13.77 -11.43 1.64
CA TYR B 125 15.02 -11.53 0.92
C TYR B 125 16.22 -11.28 1.85
N SER B 126 17.27 -12.06 1.61
CA SER B 126 18.57 -11.86 2.26
C SER B 126 19.66 -12.45 1.38
N TYR B 127 20.89 -12.01 1.61
CA TYR B 127 22.04 -12.60 0.93
C TYR B 127 23.18 -12.68 1.94
N GLU B 128 24.10 -13.62 1.70
CA GLU B 128 25.23 -13.85 2.57
C GLU B 128 26.54 -13.34 1.97
N GLN B 129 26.64 -13.31 0.64
CA GLN B 129 27.84 -12.76 -0.03
C GLN B 129 27.48 -12.01 -1.33
N GLY B 130 28.00 -10.79 -1.48
CA GLY B 130 27.88 -10.07 -2.74
C GLY B 130 28.31 -8.61 -2.72
N SER B 131 28.37 -8.00 -3.91
CA SER B 131 28.81 -6.62 -4.08
C SER B 131 27.83 -5.67 -4.80
N SER B 132 26.96 -6.24 -5.62
CA SER B 132 25.93 -5.45 -6.29
C SER B 132 24.59 -6.20 -6.24
N LEU B 133 23.52 -5.48 -5.97
CA LEU B 133 22.16 -6.05 -6.02
C LEU B 133 21.25 -5.23 -6.94
N LEU B 134 20.52 -5.90 -7.82
CA LEU B 134 19.55 -5.24 -8.72
C LEU B 134 18.24 -5.99 -8.69
N LEU B 135 17.21 -5.34 -8.15
CA LEU B 135 15.87 -5.89 -8.13
C LEU B 135 15.14 -5.59 -9.44
N TYR B 136 14.37 -6.54 -9.96
CA TYR B 136 13.50 -6.24 -11.07
C TYR B 136 12.25 -7.08 -11.06
N LEU B 137 11.26 -6.61 -11.83
CA LEU B 137 9.94 -7.20 -11.89
C LEU B 137 9.77 -7.73 -13.29
N GLU B 138 9.60 -9.07 -13.39
CA GLU B 138 9.67 -9.77 -14.67
C GLU B 138 8.50 -10.75 -14.85
N SER B 139 8.32 -11.22 -16.08
CA SER B 139 7.27 -12.16 -16.43
C SER B 139 7.74 -13.07 -17.55
N THR B 140 7.37 -14.35 -17.50
CA THR B 140 7.61 -15.27 -18.62
C THR B 140 6.89 -14.90 -19.92
N ASP B 141 5.83 -14.11 -19.87
CA ASP B 141 5.30 -13.47 -21.06
C ASP B 141 6.28 -12.36 -21.47
N ALA B 142 7.03 -12.58 -22.54
CA ALA B 142 8.07 -11.63 -22.98
C ALA B 142 7.53 -10.27 -23.43
N LYS B 143 6.22 -10.16 -23.68
CA LYS B 143 5.55 -8.95 -24.16
C LYS B 143 4.58 -8.29 -23.18
N ALA B 144 4.32 -8.89 -22.02
CA ALA B 144 3.41 -8.27 -21.08
C ALA B 144 3.85 -6.86 -20.72
N ALA B 145 2.88 -5.97 -20.57
CA ALA B 145 3.11 -4.63 -20.01
C ALA B 145 2.39 -4.57 -18.68
N TYR B 146 2.92 -3.82 -17.73
CA TYR B 146 2.32 -3.83 -16.38
C TYR B 146 2.69 -2.62 -15.53
N LEU B 147 1.87 -2.43 -14.50
CA LEU B 147 2.01 -1.35 -13.55
C LEU B 147 2.48 -1.87 -12.19
N LEU B 148 3.26 -1.03 -11.52
CA LEU B 148 3.70 -1.27 -10.14
C LEU B 148 3.34 -0.05 -9.28
N ASP B 149 2.83 -0.28 -8.06
CA ASP B 149 2.57 0.86 -7.20
C ASP B 149 2.77 0.46 -5.74
N GLU B 150 2.99 1.48 -4.92
CA GLU B 150 3.09 1.32 -3.47
C GLU B 150 4.14 0.27 -3.10
N PHE B 151 5.34 0.50 -3.62
CA PHE B 151 6.46 -0.39 -3.40
C PHE B 151 7.08 -0.12 -2.05
N GLN B 152 7.43 -1.18 -1.33
CA GLN B 152 8.04 -1.06 0.00
C GLN B 152 9.12 -2.09 0.25
N ILE B 153 10.13 -1.66 0.98
CA ILE B 153 11.08 -2.56 1.55
C ILE B 153 11.18 -2.20 3.04
N ARG B 154 10.99 -3.22 3.88
CA ARG B 154 11.14 -3.00 5.31
C ARG B 154 12.06 -4.04 5.94
N LEU B 155 12.85 -3.61 6.92
CA LEU B 155 13.79 -4.51 7.59
C LEU B 155 13.01 -5.42 8.55
N VAL B 156 13.15 -6.73 8.40
CA VAL B 156 12.50 -7.69 9.32
C VAL B 156 13.46 -8.05 10.46
N LYS B 157 14.70 -8.33 10.09
CA LYS B 157 15.74 -8.78 11.02
C LYS B 157 17.09 -8.13 10.69
N ALA B 158 17.61 -7.37 11.65
CA ALA B 158 18.94 -6.75 11.55
C ALA B 158 20.05 -7.80 11.58
N ALA B 159 21.21 -7.43 11.04
CA ALA B 159 22.36 -8.32 10.93
C ALA B 159 23.42 -7.95 11.97
#